data_1T2E
#
_entry.id   1T2E
#
_cell.length_a   79.066
_cell.length_b   85.336
_cell.length_c   89.714
_cell.angle_alpha   90.00
_cell.angle_beta   90.00
_cell.angle_gamma   90.00
#
_symmetry.space_group_name_H-M   'I 2 2 2'
#
loop_
_entity.id
_entity.type
_entity.pdbx_description
1 polymer 'L-lactate dehydrogenase'
2 non-polymer '1,4-DIHYDRONICOTINAMIDE ADENINE DINUCLEOTIDE'
3 non-polymer 'OXAMIC ACID'
4 non-polymer GLYCEROL
5 water water
#
_entity_poly.entity_id   1
_entity_poly.type   'polypeptide(L)'
_entity_poly.pdbx_seq_one_letter_code
;MAPKAKIVLVGSGMIGGVMATLIVQKNLGDVVLFDIVKNMPHGKALDTSHTNVMAYSNCKVSGSNTYDDLAGADVVIVTA
GFTKAPGKSDKEWNRDDLLPLNNKIMIEIGGHIKKNCPNAFIIVVTNPVDVMVQLLHQHSGVPKNKIIGLGGVLDTSRLK
YYISQKLNVCPRDVNAHIVGAHGNKMVLLKRYITVGGIPLQEFINNKLISDAELEAIFDRTVNTALEIVNLHAAPYVAPA
AAIIEMAESYLKDLKKVLICSTLLEGQYGHSDIFGGTPVVLGANGVEQVIELQLNSEEKAKFDEAIAETKRMKPLAHHHH
HH
;
_entity_poly.pdbx_strand_id   A
#
loop_
_chem_comp.id
_chem_comp.type
_chem_comp.name
_chem_comp.formula
GOL non-polymer GLYCEROL 'C3 H8 O3'
NAI non-polymer '1,4-DIHYDRONICOTINAMIDE ADENINE DINUCLEOTIDE' 'C21 H29 N7 O14 P2'
OXM non-polymer 'OXAMIC ACID' 'C2 H3 N O3'
#
# COMPACT_ATOMS: atom_id res chain seq x y z
N ALA A 2 -13.94 -22.03 -2.21
CA ALA A 2 -13.99 -23.25 -1.32
C ALA A 2 -12.75 -23.36 -0.38
N PRO A 3 -11.63 -24.11 -0.70
CA PRO A 3 -10.37 -24.03 0.03
C PRO A 3 -10.17 -22.56 0.30
N LYS A 4 -9.59 -22.31 1.43
CA LYS A 4 -9.27 -20.97 1.79
C LYS A 4 -8.42 -20.37 0.68
N ALA A 5 -8.41 -19.05 0.66
CA ALA A 5 -7.45 -18.33 -0.17
C ALA A 5 -6.06 -18.65 0.30
N LYS A 6 -5.12 -18.68 -0.63
CA LYS A 6 -3.73 -18.83 -0.32
C LYS A 6 -3.11 -17.45 -0.55
N ILE A 7 -2.46 -16.91 0.47
CA ILE A 7 -1.93 -15.55 0.37
C ILE A 7 -0.47 -15.65 0.55
N VAL A 8 0.28 -15.29 -0.48
CA VAL A 8 1.70 -15.43 -0.36
C VAL A 8 2.27 -14.02 -0.16
N LEU A 9 3.02 -13.94 0.91
CA LEU A 9 3.66 -12.69 1.31
C LEU A 9 5.06 -12.84 0.78
N VAL A 10 5.31 -12.20 -0.34
CA VAL A 10 6.67 -12.22 -0.89
C VAL A 10 7.42 -11.09 -0.22
N GLY A 11 8.24 -11.51 0.73
CA GLY A 11 8.86 -10.59 1.64
C GLY A 11 8.31 -10.94 3.01
N SER A 12 9.17 -11.33 3.93
CA SER A 12 8.71 -11.74 5.25
C SER A 12 9.39 -10.93 6.28
N GLY A 13 9.54 -9.64 6.00
CA GLY A 13 10.21 -8.75 6.95
C GLY A 13 9.19 -8.12 7.91
N MET A 14 9.35 -6.87 8.26
CA MET A 14 8.49 -6.33 9.31
C MET A 14 7.07 -6.23 8.84
N ILE A 15 6.84 -5.71 7.63
CA ILE A 15 5.48 -5.63 7.18
C ILE A 15 4.90 -7.00 6.98
N GLY A 16 5.67 -7.88 6.38
CA GLY A 16 5.22 -9.24 6.17
C GLY A 16 4.77 -9.85 7.51
N GLY A 17 5.55 -9.64 8.56
CA GLY A 17 5.19 -10.26 9.80
C GLY A 17 3.87 -9.77 10.36
N VAL A 18 3.62 -8.49 10.28
CA VAL A 18 2.39 -8.02 10.82
C VAL A 18 1.28 -8.47 9.88
N MET A 19 1.50 -8.47 8.57
CA MET A 19 0.44 -8.98 7.67
C MET A 19 0.07 -10.41 8.01
N ALA A 20 1.05 -11.27 8.23
CA ALA A 20 0.71 -12.63 8.66
C ALA A 20 -0.12 -12.66 9.93
N THR A 21 0.30 -11.89 10.94
CA THR A 21 -0.47 -11.78 12.16
C THR A 21 -1.91 -11.42 11.91
N LEU A 22 -2.13 -10.39 11.07
CA LEU A 22 -3.48 -9.83 10.92
C LEU A 22 -4.31 -10.79 10.08
N ILE A 23 -3.64 -11.51 9.17
CA ILE A 23 -4.39 -12.46 8.35
C ILE A 23 -4.98 -13.57 9.24
N VAL A 24 -4.17 -14.04 10.17
CA VAL A 24 -4.66 -15.06 11.10
C VAL A 24 -5.72 -14.44 12.00
N GLN A 25 -5.50 -13.22 12.52
CA GLN A 25 -6.50 -12.60 13.36
C GLN A 25 -7.85 -12.59 12.63
N LYS A 26 -7.78 -12.34 11.33
CA LYS A 26 -8.99 -12.21 10.53
C LYS A 26 -9.42 -13.42 9.84
N ASN A 27 -8.65 -14.48 10.05
CA ASN A 27 -8.95 -15.71 9.38
C ASN A 27 -9.11 -15.57 7.85
N LEU A 28 -8.24 -14.80 7.22
CA LEU A 28 -8.43 -14.50 5.81
C LEU A 28 -8.02 -15.54 4.81
N GLY A 29 -7.07 -16.37 5.19
CA GLY A 29 -6.60 -17.43 4.33
C GLY A 29 -5.30 -18.01 4.82
N ASP A 30 -4.84 -19.03 4.11
CA ASP A 30 -3.58 -19.63 4.45
C ASP A 30 -2.55 -18.63 3.98
N VAL A 31 -1.46 -18.60 4.73
CA VAL A 31 -0.39 -17.65 4.49
C VAL A 31 0.93 -18.32 4.26
N VAL A 32 1.64 -17.85 3.24
CA VAL A 32 2.99 -18.25 3.05
C VAL A 32 3.89 -17.00 3.25
N LEU A 33 4.82 -17.11 4.16
CA LEU A 33 5.80 -16.09 4.37
C LEU A 33 7.03 -16.58 3.57
N PHE A 34 7.21 -15.91 2.44
CA PHE A 34 8.31 -16.23 1.57
C PHE A 34 9.37 -15.19 1.74
N ASP A 35 10.63 -15.62 1.84
CA ASP A 35 11.70 -14.62 1.92
C ASP A 35 12.93 -15.27 1.36
N ILE A 36 13.89 -14.44 1.03
CA ILE A 36 15.20 -14.94 0.60
C ILE A 36 16.12 -15.27 1.78
N VAL A 37 15.83 -14.70 2.95
CA VAL A 37 16.60 -15.02 4.15
C VAL A 37 16.29 -16.46 4.61
N LYS A 38 17.32 -17.31 4.70
CA LYS A 38 17.13 -18.67 5.12
C LYS A 38 16.45 -18.75 6.47
N ASN A 39 15.49 -19.65 6.53
CA ASN A 39 14.80 -20.07 7.75
C ASN A 39 13.98 -19.05 8.54
N MET A 40 14.41 -17.79 8.51
CA MET A 40 13.61 -16.70 9.17
C MET A 40 12.11 -16.82 8.93
N PRO A 41 11.66 -16.94 7.69
CA PRO A 41 10.21 -17.06 7.48
C PRO A 41 9.59 -18.27 8.13
N HIS A 42 10.30 -19.38 8.19
CA HIS A 42 9.75 -20.53 8.90
C HIS A 42 9.62 -20.21 10.36
N GLY A 43 10.61 -19.51 10.93
CA GLY A 43 10.53 -19.18 12.35
C GLY A 43 9.34 -18.24 12.54
N LYS A 44 9.21 -17.21 11.73
CA LYS A 44 8.08 -16.30 11.90
C LYS A 44 6.78 -17.01 11.65
N ALA A 45 6.76 -17.90 10.66
CA ALA A 45 5.50 -18.59 10.36
C ALA A 45 5.08 -19.44 11.57
N LEU A 46 6.07 -20.14 12.13
CA LEU A 46 5.78 -21.02 13.28
C LEU A 46 5.18 -20.23 14.40
N ASP A 47 5.89 -19.17 14.81
CA ASP A 47 5.38 -18.30 15.83
C ASP A 47 3.94 -17.90 15.52
N THR A 48 3.74 -17.34 14.34
CA THR A 48 2.45 -16.86 13.95
C THR A 48 1.38 -17.90 13.94
N SER A 49 1.77 -19.10 13.55
CA SER A 49 0.79 -20.17 13.43
C SER A 49 0.12 -20.47 14.76
N HIS A 50 0.84 -20.33 15.88
CA HIS A 50 0.22 -20.68 17.17
C HIS A 50 -0.93 -19.74 17.48
N THR A 51 -0.95 -18.55 16.86
CA THR A 51 -2.06 -17.60 17.17
C THR A 51 -3.41 -18.02 16.64
N ASN A 52 -3.43 -19.02 15.79
CA ASN A 52 -4.74 -19.57 15.39
C ASN A 52 -5.55 -19.92 16.63
N VAL A 53 -4.86 -20.37 17.67
CA VAL A 53 -5.53 -20.81 18.88
C VAL A 53 -6.17 -19.62 19.58
N MET A 54 -5.34 -18.61 19.86
CA MET A 54 -5.94 -17.44 20.48
C MET A 54 -6.98 -16.75 19.59
N ALA A 55 -6.85 -16.83 18.28
CA ALA A 55 -7.72 -16.07 17.39
C ALA A 55 -8.99 -16.83 17.03
N TYR A 56 -9.00 -18.11 17.37
CA TYR A 56 -10.06 -19.03 16.96
C TYR A 56 -10.10 -19.16 15.46
N SER A 57 -8.94 -19.14 14.83
CA SER A 57 -8.92 -19.19 13.41
C SER A 57 -8.37 -20.52 12.97
N ASN A 58 -8.27 -20.66 11.66
CA ASN A 58 -7.67 -21.88 11.15
C ASN A 58 -7.00 -21.58 9.81
N CYS A 59 -5.96 -20.78 9.85
CA CYS A 59 -5.20 -20.42 8.69
C CYS A 59 -3.82 -21.04 8.84
N LYS A 60 -3.42 -21.79 7.86
CA LYS A 60 -2.06 -22.30 7.90
C LYS A 60 -1.12 -21.14 7.70
N VAL A 61 0.02 -21.18 8.38
CA VAL A 61 1.00 -20.15 8.17
C VAL A 61 2.32 -20.94 7.96
N SER A 62 2.93 -20.82 6.78
CA SER A 62 4.12 -21.57 6.44
C SER A 62 5.13 -20.62 6.00
N GLY A 63 6.38 -20.96 6.23
CA GLY A 63 7.47 -20.13 5.75
C GLY A 63 7.90 -20.76 4.43
N SER A 64 8.64 -20.00 3.63
CA SER A 64 9.12 -20.52 2.38
C SER A 64 10.40 -19.80 1.97
N ASN A 65 11.33 -20.56 1.43
CA ASN A 65 12.48 -19.93 0.81
C ASN A 65 12.47 -20.40 -0.63
N THR A 66 11.32 -20.75 -1.18
CA THR A 66 11.26 -21.30 -2.53
C THR A 66 10.23 -20.54 -3.35
N TYR A 67 10.66 -19.86 -4.40
CA TYR A 67 9.73 -19.10 -5.22
C TYR A 67 8.57 -19.91 -5.71
N ASP A 68 8.76 -21.18 -5.96
CA ASP A 68 7.67 -21.92 -6.55
C ASP A 68 6.52 -22.10 -5.53
N ASP A 69 6.71 -21.72 -4.32
CA ASP A 69 5.55 -21.79 -3.40
C ASP A 69 4.52 -20.74 -3.74
N LEU A 70 4.80 -19.93 -4.74
CA LEU A 70 3.81 -19.00 -5.29
C LEU A 70 2.72 -19.72 -6.02
N ALA A 71 2.98 -20.97 -6.39
CA ALA A 71 1.97 -21.72 -7.10
C ALA A 71 0.69 -21.74 -6.31
N GLY A 72 -0.42 -21.49 -6.99
CA GLY A 72 -1.75 -21.60 -6.40
C GLY A 72 -2.12 -20.39 -5.59
N ALA A 73 -1.23 -19.39 -5.56
CA ALA A 73 -1.49 -18.19 -4.77
C ALA A 73 -2.74 -17.52 -5.28
N ASP A 74 -3.56 -17.05 -4.37
CA ASP A 74 -4.71 -16.27 -4.79
C ASP A 74 -4.39 -14.81 -4.67
N VAL A 75 -3.61 -14.50 -3.66
CA VAL A 75 -3.19 -13.10 -3.49
C VAL A 75 -1.71 -13.11 -3.23
N VAL A 76 -1.00 -12.19 -3.84
CA VAL A 76 0.47 -12.10 -3.61
C VAL A 76 0.75 -10.70 -3.14
N ILE A 77 1.47 -10.58 -2.05
CA ILE A 77 1.70 -9.27 -1.50
C ILE A 77 3.19 -9.11 -1.44
N VAL A 78 3.65 -8.11 -2.17
CA VAL A 78 5.07 -7.97 -2.36
C VAL A 78 5.64 -6.83 -1.56
N THR A 79 6.37 -7.20 -0.53
CA THR A 79 7.11 -6.24 0.27
C THR A 79 8.61 -6.47 0.12
N ALA A 80 8.98 -7.43 -0.68
CA ALA A 80 10.40 -7.75 -0.89
C ALA A 80 11.24 -6.53 -1.26
N GLY A 81 12.36 -6.33 -0.58
CA GLY A 81 13.26 -5.24 -0.96
C GLY A 81 13.94 -4.62 0.24
N PHE A 82 14.31 -3.35 0.10
CA PHE A 82 14.98 -2.57 1.17
C PHE A 82 14.19 -1.36 1.63
N THR A 83 14.29 -1.03 2.91
CA THR A 83 13.61 0.15 3.44
C THR A 83 14.55 1.34 3.47
N LYS A 84 15.84 1.08 3.57
CA LYS A 84 16.83 2.18 3.70
C LYS A 84 17.92 1.93 2.71
N ALA A 85 18.51 3.04 2.24
CA ALA A 85 19.66 3.00 1.37
C ALA A 85 20.95 3.14 2.18
N PRO A 86 21.71 2.65 1.75
CA PRO A 86 23.09 2.55 2.25
C PRO A 86 23.80 3.87 2.43
N GLY A 87 24.63 4.03 3.42
CA GLY A 87 25.27 5.30 3.59
C GLY A 87 24.27 6.38 3.80
N LYS A 88 23.00 6.05 3.62
CA LYS A 88 22.17 7.23 3.83
C LYS A 88 21.73 7.24 5.28
N SER A 89 21.84 8.38 5.95
CA SER A 89 21.26 8.46 7.29
C SER A 89 19.68 8.46 7.32
N ASP A 90 19.12 8.37 8.53
CA ASP A 90 17.64 8.40 8.69
C ASP A 90 17.07 9.75 8.31
N LYS A 91 17.79 10.81 8.68
CA LYS A 91 17.39 12.17 8.32
C LYS A 91 17.29 12.34 6.81
N GLU A 92 18.05 11.56 6.07
CA GLU A 92 18.07 11.68 4.59
C GLU A 92 17.20 10.64 3.90
N TRP A 93 16.45 9.90 4.70
CA TRP A 93 15.54 8.87 4.15
C TRP A 93 14.60 9.40 3.07
N ASN A 94 14.73 8.80 1.90
CA ASN A 94 13.93 9.16 0.74
C ASN A 94 13.55 7.88 -0.01
N ARG A 95 12.26 7.64 -0.22
CA ARG A 95 11.83 6.43 -0.93
C ARG A 95 12.47 6.29 -2.29
N ASP A 96 12.79 7.42 -2.91
CA ASP A 96 13.41 7.36 -4.25
C ASP A 96 14.74 6.62 -4.27
N ASP A 97 15.47 6.72 -3.17
CA ASP A 97 16.79 6.13 -3.12
C ASP A 97 16.71 4.63 -3.08
N LEU A 98 15.49 4.10 -2.86
CA LEU A 98 15.35 2.67 -2.74
C LEU A 98 15.27 2.02 -4.11
N LEU A 99 15.03 2.88 -5.10
CA LEU A 99 14.87 2.45 -6.47
C LEU A 99 16.07 1.63 -6.97
N PRO A 100 17.11 1.86 -6.92
CA PRO A 100 18.24 1.05 -7.42
C PRO A 100 18.33 -0.29 -6.72
N LEU A 101 17.80 -0.28 -5.51
CA LEU A 101 17.96 -1.42 -4.65
C LEU A 101 16.89 -2.49 -4.88
N ASN A 102 15.73 -2.05 -5.37
CA ASN A 102 14.55 -2.89 -5.45
C ASN A 102 14.06 -3.26 -6.84
N ASN A 103 14.55 -2.72 -7.79
CA ASN A 103 14.08 -2.79 -9.18
C ASN A 103 14.20 -4.21 -9.69
N LYS A 104 15.41 -4.75 -9.49
CA LYS A 104 15.80 -6.08 -9.91
C LYS A 104 15.01 -7.19 -9.18
N ILE A 105 14.58 -6.86 -7.97
CA ILE A 105 13.79 -7.74 -7.13
C ILE A 105 12.39 -7.81 -7.72
N MET A 106 11.81 -6.69 -8.12
CA MET A 106 10.51 -6.79 -8.79
C MET A 106 10.45 -7.64 -10.06
N ILE A 107 11.46 -7.42 -10.88
CA ILE A 107 11.51 -8.18 -12.09
C ILE A 107 11.53 -9.65 -11.82
N GLU A 108 12.40 -10.05 -10.95
CA GLU A 108 12.48 -11.49 -10.64
C GLU A 108 11.16 -12.01 -10.08
N ILE A 109 10.57 -11.25 -9.17
CA ILE A 109 9.32 -11.76 -8.55
C ILE A 109 8.26 -11.82 -9.61
N GLY A 110 8.22 -10.81 -10.47
CA GLY A 110 7.23 -10.78 -11.51
C GLY A 110 7.30 -12.00 -12.39
N GLY A 111 8.50 -12.42 -12.72
CA GLY A 111 8.70 -13.61 -13.54
C GLY A 111 8.19 -14.83 -12.83
N HIS A 112 8.40 -14.90 -11.52
CA HIS A 112 7.87 -16.01 -10.75
C HIS A 112 6.37 -15.96 -10.62
N ILE A 113 5.80 -14.76 -10.51
CA ILE A 113 4.38 -14.73 -10.45
C ILE A 113 3.82 -15.18 -11.79
N LYS A 114 4.42 -14.73 -12.88
CA LYS A 114 3.86 -15.11 -14.18
C LYS A 114 3.88 -16.61 -14.39
N LYS A 115 4.94 -17.22 -13.93
CA LYS A 115 5.10 -18.67 -14.10
C LYS A 115 4.16 -19.38 -13.14
N ASN A 116 4.10 -18.91 -11.91
CA ASN A 116 3.40 -19.68 -10.87
C ASN A 116 1.97 -19.34 -10.52
N CYS A 117 1.61 -18.06 -10.60
CA CYS A 117 0.26 -17.68 -10.22
C CYS A 117 -0.18 -16.46 -11.03
N PRO A 118 -0.25 -16.63 -12.35
CA PRO A 118 -0.58 -15.51 -13.26
C PRO A 118 -2.01 -14.99 -12.99
N ASN A 119 -2.82 -15.76 -12.32
CA ASN A 119 -4.17 -15.32 -12.03
C ASN A 119 -4.37 -14.79 -10.64
N ALA A 120 -3.26 -14.63 -9.93
CA ALA A 120 -3.31 -14.08 -8.58
C ALA A 120 -3.58 -12.57 -8.60
N PHE A 121 -4.14 -12.07 -7.51
CA PHE A 121 -4.34 -10.64 -7.32
C PHE A 121 -3.08 -10.20 -6.59
N ILE A 122 -2.43 -9.16 -7.09
CA ILE A 122 -1.15 -8.73 -6.55
C ILE A 122 -1.18 -7.37 -5.92
N ILE A 123 -0.55 -7.27 -4.75
CA ILE A 123 -0.42 -6.01 -4.12
C ILE A 123 1.03 -5.78 -3.94
N VAL A 124 1.47 -4.70 -4.58
CA VAL A 124 2.86 -4.30 -4.47
C VAL A 124 3.08 -3.20 -3.42
N VAL A 125 4.07 -3.40 -2.56
CA VAL A 125 4.36 -2.46 -1.48
C VAL A 125 5.72 -1.81 -1.59
N THR A 126 6.69 -2.60 -2.04
CA THR A 126 8.03 -2.14 -2.14
C THR A 126 8.19 -0.78 -2.77
N ASN A 127 8.96 0.06 -2.11
CA ASN A 127 9.15 1.42 -2.57
C ASN A 127 10.25 1.59 -3.60
N PRO A 128 10.16 2.61 -4.47
CA PRO A 128 9.05 3.59 -4.57
C PRO A 128 7.90 2.94 -5.25
N VAL A 129 6.81 2.82 -4.49
CA VAL A 129 5.75 1.87 -4.87
C VAL A 129 5.11 2.11 -6.20
N ASP A 130 4.89 3.36 -6.59
CA ASP A 130 4.15 3.60 -7.86
C ASP A 130 5.02 3.20 -9.05
N VAL A 131 6.34 3.27 -8.85
CA VAL A 131 7.24 2.82 -9.86
C VAL A 131 7.37 1.27 -9.84
N MET A 132 7.51 0.72 -8.64
CA MET A 132 7.76 -0.72 -8.50
C MET A 132 6.54 -1.47 -8.91
N VAL A 133 5.36 -0.91 -8.65
CA VAL A 133 4.17 -1.65 -9.03
C VAL A 133 4.06 -1.79 -10.52
N GLN A 134 4.31 -0.73 -11.27
CA GLN A 134 4.23 -0.87 -12.71
C GLN A 134 5.26 -1.82 -13.28
N LEU A 135 6.46 -1.85 -12.68
CA LEU A 135 7.54 -2.70 -13.14
C LEU A 135 7.11 -4.11 -12.91
N LEU A 136 6.52 -4.36 -11.74
CA LEU A 136 6.02 -5.70 -11.51
C LEU A 136 4.87 -6.04 -12.42
N HIS A 137 3.97 -5.10 -12.63
CA HIS A 137 2.88 -5.38 -13.54
C HIS A 137 3.43 -5.87 -14.88
N GLN A 138 4.42 -5.13 -15.37
CA GLN A 138 4.94 -5.40 -16.72
C GLN A 138 5.64 -6.74 -16.78
N HIS A 139 6.29 -7.17 -15.70
CA HIS A 139 7.01 -8.47 -15.68
C HIS A 139 6.18 -9.61 -15.27
N SER A 140 5.10 -9.35 -14.50
CA SER A 140 4.29 -10.48 -14.12
C SER A 140 3.27 -10.82 -15.18
N GLY A 141 2.96 -9.89 -16.06
CA GLY A 141 1.92 -10.16 -17.07
C GLY A 141 0.46 -10.16 -16.60
N VAL A 142 0.22 -9.85 -15.33
CA VAL A 142 -1.16 -9.86 -14.83
C VAL A 142 -2.01 -8.72 -15.41
N PRO A 143 -3.30 -8.97 -15.55
CA PRO A 143 -4.25 -7.93 -15.99
C PRO A 143 -4.17 -6.69 -15.10
N LYS A 144 -4.49 -5.51 -15.66
CA LYS A 144 -4.36 -4.28 -14.91
C LYS A 144 -5.40 -4.28 -13.77
N ASN A 145 -6.44 -5.09 -13.85
CA ASN A 145 -7.42 -5.07 -12.74
C ASN A 145 -6.95 -5.99 -11.62
N LYS A 146 -5.80 -6.63 -11.81
CA LYS A 146 -5.29 -7.59 -10.84
C LYS A 146 -4.06 -7.17 -10.09
N ILE A 147 -3.68 -5.91 -10.15
CA ILE A 147 -2.52 -5.55 -9.39
C ILE A 147 -2.65 -4.13 -8.98
N ILE A 148 -2.23 -3.82 -7.76
CA ILE A 148 -2.26 -2.47 -7.27
C ILE A 148 -1.12 -2.29 -6.36
N GLY A 149 -0.87 -1.02 -6.04
CA GLY A 149 0.19 -0.70 -5.09
C GLY A 149 -0.41 -0.05 -3.89
N LEU A 150 0.27 -0.28 -2.77
CA LEU A 150 -0.09 0.36 -1.54
C LEU A 150 0.32 1.85 -1.58
N GLY A 151 -0.53 2.73 -1.11
CA GLY A 151 -0.15 4.13 -0.93
C GLY A 151 -1.25 4.84 -0.14
N GLY A 152 -2.32 5.18 -0.83
CA GLY A 152 -3.36 6.06 -0.28
C GLY A 152 -4.06 5.57 0.97
N VAL A 153 -4.29 4.26 1.10
CA VAL A 153 -4.93 3.78 2.29
C VAL A 153 -4.07 4.11 3.46
N LEU A 154 -2.80 3.92 3.29
CA LEU A 154 -1.86 4.24 4.37
C LEU A 154 -1.66 5.74 4.54
N ASP A 155 -1.40 6.48 3.47
CA ASP A 155 -1.19 7.92 3.67
C ASP A 155 -2.45 8.55 4.23
N THR A 156 -3.60 8.15 3.71
CA THR A 156 -4.79 8.75 4.29
C THR A 156 -5.09 8.27 5.69
N SER A 157 -4.60 7.12 6.13
CA SER A 157 -4.97 6.75 7.47
C SER A 157 -4.30 7.73 8.45
N ARG A 158 -3.16 8.21 8.02
CA ARG A 158 -2.40 9.16 8.85
C ARG A 158 -3.19 10.47 8.92
N LEU A 159 -3.55 10.98 7.75
CA LEU A 159 -4.28 12.23 7.72
C LEU A 159 -5.60 12.11 8.44
N LYS A 160 -6.30 11.03 8.16
CA LYS A 160 -7.57 10.81 8.82
C LYS A 160 -7.38 10.75 10.30
N TYR A 161 -6.38 9.98 10.71
CA TYR A 161 -6.16 9.80 12.14
C TYR A 161 -5.85 11.14 12.81
N TYR A 162 -4.92 11.90 12.22
CA TYR A 162 -4.48 13.19 12.87
C TYR A 162 -5.67 14.15 12.98
N ILE A 163 -6.50 14.20 11.95
CA ILE A 163 -7.66 15.07 12.05
C ILE A 163 -8.65 14.58 13.09
N SER A 164 -8.87 13.28 13.17
CA SER A 164 -9.81 12.73 14.11
C SER A 164 -9.36 13.02 15.54
N GLN A 165 -8.07 13.08 15.77
CA GLN A 165 -7.64 13.39 17.12
C GLN A 165 -7.91 14.83 17.46
N LYS A 166 -7.75 15.69 16.49
CA LYS A 166 -7.99 17.09 16.79
C LYS A 166 -9.49 17.31 17.00
N LEU A 167 -10.35 16.62 16.23
CA LEU A 167 -11.76 16.89 16.31
C LEU A 167 -12.46 15.96 17.25
N ASN A 168 -11.74 14.99 17.80
CA ASN A 168 -12.28 14.06 18.79
C ASN A 168 -13.43 13.26 18.23
N VAL A 169 -13.23 12.67 17.08
CA VAL A 169 -14.26 11.82 16.50
C VAL A 169 -13.58 10.47 16.21
N CYS A 170 -14.39 9.45 15.91
CA CYS A 170 -13.86 8.14 15.58
C CYS A 170 -12.92 8.26 14.34
N PRO A 171 -11.70 7.75 14.40
CA PRO A 171 -10.77 7.93 13.29
C PRO A 171 -11.39 7.64 11.93
N ARG A 172 -12.13 6.54 11.84
CA ARG A 172 -12.72 6.11 10.56
C ARG A 172 -13.76 7.10 10.04
N ASP A 173 -14.27 7.97 10.94
CA ASP A 173 -15.26 8.94 10.53
C ASP A 173 -14.66 10.13 9.78
N VAL A 174 -13.33 10.17 9.71
CA VAL A 174 -12.72 11.17 8.84
C VAL A 174 -12.38 10.47 7.58
N ASN A 175 -12.78 11.06 6.46
CA ASN A 175 -12.44 10.47 5.18
C ASN A 175 -11.66 11.49 4.43
N ALA A 176 -10.69 11.03 3.65
CA ALA A 176 -9.83 11.98 3.05
C ALA A 176 -9.18 11.27 1.90
N HIS A 177 -8.63 12.07 0.98
CA HIS A 177 -8.02 11.51 -0.24
C HIS A 177 -6.66 12.06 -0.43
N ILE A 178 -5.75 11.14 -0.69
CA ILE A 178 -4.41 11.54 -1.02
C ILE A 178 -4.12 10.75 -2.26
N VAL A 179 -3.74 11.45 -3.33
CA VAL A 179 -3.59 10.78 -4.59
C VAL A 179 -2.27 11.07 -5.32
N GLY A 180 -2.17 10.52 -6.52
CA GLY A 180 -1.03 10.72 -7.43
C GLY A 180 0.07 9.72 -7.18
N ALA A 181 0.76 9.86 -6.04
CA ALA A 181 1.84 8.94 -5.76
C ALA A 181 2.04 8.85 -4.26
N HIS A 182 2.64 7.76 -3.86
CA HIS A 182 3.02 7.59 -2.46
C HIS A 182 4.45 8.10 -2.27
N GLY A 183 4.61 9.31 -1.77
CA GLY A 183 5.95 9.84 -1.66
C GLY A 183 5.77 11.27 -1.29
N ASN A 184 6.86 12.03 -1.34
CA ASN A 184 6.84 13.39 -0.88
C ASN A 184 5.97 14.32 -1.74
N LYS A 185 5.58 13.85 -2.93
CA LYS A 185 4.68 14.61 -3.76
C LYS A 185 3.24 14.16 -3.62
N MET A 186 2.94 13.29 -2.68
CA MET A 186 1.58 12.83 -2.53
C MET A 186 0.67 14.07 -2.48
N VAL A 187 -0.49 13.97 -3.08
CA VAL A 187 -1.37 15.11 -3.19
C VAL A 187 -2.46 15.02 -2.17
N LEU A 188 -2.38 15.87 -1.16
CA LEU A 188 -3.44 15.94 -0.12
C LEU A 188 -4.52 16.89 -0.58
N LEU A 189 -5.76 16.36 -0.72
CA LEU A 189 -6.87 17.11 -1.24
C LEU A 189 -7.82 17.61 -0.12
N LYS A 190 -7.49 18.79 0.39
CA LYS A 190 -8.27 19.38 1.47
C LYS A 190 -9.71 19.43 1.10
N ARG A 191 -9.94 19.71 -0.15
CA ARG A 191 -11.31 19.80 -0.63
C ARG A 191 -12.07 18.50 -0.47
N TYR A 192 -11.43 17.33 -0.45
CA TYR A 192 -12.17 16.06 -0.31
C TYR A 192 -12.07 15.48 1.10
N ILE A 193 -11.89 16.31 2.11
CA ILE A 193 -11.85 15.78 3.45
C ILE A 193 -13.24 15.95 4.04
N THR A 194 -13.76 14.90 4.65
CA THR A 194 -15.04 15.01 5.35
C THR A 194 -14.90 14.45 6.74
N VAL A 195 -15.82 14.79 7.63
CA VAL A 195 -15.76 14.27 8.95
C VAL A 195 -17.16 13.85 9.19
N GLY A 196 -17.37 12.57 9.44
CA GLY A 196 -18.74 12.12 9.54
C GLY A 196 -19.55 12.48 8.28
N GLY A 197 -18.92 12.45 7.12
CA GLY A 197 -19.54 12.74 5.83
C GLY A 197 -19.76 14.21 5.54
N ILE A 198 -19.30 15.04 6.44
CA ILE A 198 -19.53 16.49 6.39
C ILE A 198 -18.27 17.13 5.95
N PRO A 199 -18.37 18.11 5.05
CA PRO A 199 -17.19 18.80 4.54
C PRO A 199 -16.38 19.32 5.69
N LEU A 200 -15.09 19.09 5.66
CA LEU A 200 -14.20 19.58 6.74
C LEU A 200 -14.29 21.07 6.82
N GLN A 201 -14.61 21.73 5.72
CA GLN A 201 -14.70 23.17 5.80
C GLN A 201 -15.72 23.61 6.84
N GLU A 202 -16.74 22.81 7.15
CA GLU A 202 -17.70 23.33 8.14
C GLU A 202 -17.04 23.37 9.51
N PHE A 203 -16.16 22.41 9.78
CA PHE A 203 -15.50 22.36 11.07
C PHE A 203 -14.50 23.51 11.13
N ILE A 204 -13.91 23.84 9.98
CA ILE A 204 -13.00 24.99 9.92
C ILE A 204 -13.78 26.26 10.15
N ASN A 205 -14.92 26.38 9.48
CA ASN A 205 -15.78 27.57 9.73
C ASN A 205 -16.18 27.72 11.18
N ASN A 206 -16.35 26.59 11.88
CA ASN A 206 -16.75 26.58 13.27
C ASN A 206 -15.60 26.73 14.22
N LYS A 207 -14.40 26.98 13.68
CA LYS A 207 -13.16 27.14 14.47
C LYS A 207 -12.82 25.92 15.32
N LEU A 208 -13.26 24.75 14.84
CA LEU A 208 -13.00 23.51 15.54
C LEU A 208 -11.66 23.00 15.13
N ILE A 209 -11.19 23.47 13.99
CA ILE A 209 -9.86 23.11 13.51
C ILE A 209 -9.56 24.24 12.53
N SER A 210 -8.35 24.75 12.59
CA SER A 210 -8.05 25.92 11.77
C SER A 210 -7.31 25.47 10.54
N ASP A 211 -7.28 26.31 9.52
CA ASP A 211 -6.47 26.06 8.36
C ASP A 211 -5.03 25.85 8.68
N ALA A 212 -4.49 26.64 9.60
CA ALA A 212 -3.11 26.47 9.98
C ALA A 212 -2.86 25.08 10.59
N GLU A 213 -3.79 24.63 11.42
CA GLU A 213 -3.60 23.30 12.03
C GLU A 213 -3.64 22.25 10.97
N LEU A 214 -4.49 22.50 9.96
CA LEU A 214 -4.64 21.47 8.95
C LEU A 214 -3.37 21.47 8.07
N GLU A 215 -2.75 22.65 7.88
CA GLU A 215 -1.59 22.66 7.04
C GLU A 215 -0.48 21.86 7.81
N ALA A 216 -0.48 21.96 9.12
CA ALA A 216 0.56 21.29 9.91
C ALA A 216 0.30 19.77 9.85
N ILE A 217 -0.98 19.43 9.88
CA ILE A 217 -1.37 18.02 9.78
C ILE A 217 -0.99 17.51 8.39
N PHE A 218 -1.22 18.31 7.34
CA PHE A 218 -0.83 17.84 6.02
C PHE A 218 0.68 17.60 6.00
N ASP A 219 1.41 18.56 6.50
CA ASP A 219 2.85 18.39 6.52
C ASP A 219 3.22 17.12 7.29
N ARG A 220 2.62 16.96 8.45
CA ARG A 220 2.94 15.77 9.22
C ARG A 220 2.64 14.49 8.45
N THR A 221 1.52 14.53 7.72
CA THR A 221 1.06 13.32 7.01
C THR A 221 2.10 12.97 5.98
N VAL A 222 2.50 13.98 5.20
CA VAL A 222 3.52 13.71 4.18
C VAL A 222 4.82 13.21 4.78
N ASN A 223 5.19 13.77 5.91
CA ASN A 223 6.43 13.38 6.56
C ASN A 223 6.34 12.30 7.58
N THR A 224 5.19 11.62 7.65
CA THR A 224 5.05 10.64 8.71
C THR A 224 6.10 9.52 8.69
N ALA A 225 6.35 8.99 7.51
CA ALA A 225 7.27 7.87 7.46
C ALA A 225 8.60 8.36 8.00
N LEU A 226 8.96 9.54 7.55
CA LEU A 226 10.23 10.13 7.98
C LEU A 226 10.20 10.36 9.49
N GLU A 227 9.12 10.92 10.00
CA GLU A 227 9.00 11.14 11.41
C GLU A 227 9.20 9.79 12.15
N ILE A 228 8.56 8.73 11.70
CA ILE A 228 8.70 7.45 12.40
C ILE A 228 10.10 6.92 12.34
N VAL A 229 10.71 7.01 11.17
CA VAL A 229 12.07 6.54 11.03
C VAL A 229 12.95 7.29 11.95
N ASN A 230 12.66 8.57 12.11
CA ASN A 230 13.52 9.40 12.97
C ASN A 230 13.24 9.32 14.48
N LEU A 231 12.17 8.64 14.84
CA LEU A 231 11.90 8.30 16.21
C LEU A 231 12.54 6.96 16.59
N HIS A 232 13.43 6.43 15.75
CA HIS A 232 14.10 5.15 16.05
C HIS A 232 13.10 3.99 15.90
N ALA A 233 12.13 4.20 15.04
CA ALA A 233 11.17 3.14 14.71
C ALA A 233 11.13 2.98 13.18
N ALA A 234 10.28 2.06 12.72
CA ALA A 234 10.12 1.76 11.29
C ALA A 234 8.63 1.69 11.08
N PRO A 235 8.10 2.33 10.04
CA PRO A 235 6.67 2.24 9.79
C PRO A 235 6.42 0.91 9.15
N TYR A 236 5.73 0.07 9.88
CA TYR A 236 5.30 -1.20 9.32
C TYR A 236 3.95 -1.71 9.81
N VAL A 237 3.54 -1.27 11.01
CA VAL A 237 2.21 -1.72 11.51
C VAL A 237 1.11 -1.14 10.69
N ALA A 238 1.11 0.17 10.42
CA ALA A 238 -0.06 0.65 9.67
C ALA A 238 0.05 0.21 8.21
N PRO A 239 1.25 0.21 7.65
CA PRO A 239 1.39 -0.30 6.28
C PRO A 239 0.74 -1.68 6.18
N ALA A 240 1.03 -2.58 7.14
CA ALA A 240 0.46 -3.91 7.12
C ALA A 240 -1.07 -3.89 7.18
N ALA A 241 -1.60 -3.08 8.08
CA ALA A 241 -3.03 -2.99 8.23
C ALA A 241 -3.70 -2.44 7.00
N ALA A 242 -3.04 -1.46 6.37
CA ALA A 242 -3.62 -0.94 5.14
C ALA A 242 -3.60 -2.01 4.08
N ILE A 243 -2.50 -2.74 3.97
CA ILE A 243 -2.43 -3.78 2.93
C ILE A 243 -3.49 -4.85 3.18
N ILE A 244 -3.58 -5.27 4.43
CA ILE A 244 -4.63 -6.23 4.76
C ILE A 244 -6.02 -5.67 4.49
N GLU A 245 -6.28 -4.41 4.75
CA GLU A 245 -7.61 -3.95 4.43
C GLU A 245 -7.88 -4.08 2.94
N MET A 246 -6.86 -3.76 2.12
CA MET A 246 -7.02 -3.95 0.69
C MET A 246 -7.21 -5.40 0.35
N ALA A 247 -6.34 -6.26 0.84
CA ALA A 247 -6.44 -7.69 0.50
C ALA A 247 -7.80 -8.24 0.92
N GLU A 248 -8.23 -7.83 2.13
CA GLU A 248 -9.53 -8.24 2.63
C GLU A 248 -10.71 -7.82 1.73
N SER A 249 -10.70 -6.58 1.26
CA SER A 249 -11.80 -6.14 0.38
C SER A 249 -11.88 -7.00 -0.87
N TYR A 250 -10.70 -7.33 -1.41
CA TYR A 250 -10.63 -8.24 -2.54
C TYR A 250 -11.23 -9.62 -2.17
N LEU A 251 -10.67 -10.20 -1.15
CA LEU A 251 -10.98 -11.56 -0.80
C LEU A 251 -12.45 -11.74 -0.41
N LYS A 252 -12.98 -10.78 0.31
CA LYS A 252 -14.37 -10.89 0.72
C LYS A 252 -15.33 -10.09 -0.15
N ASP A 253 -14.84 -9.58 -1.27
CA ASP A 253 -15.68 -8.84 -2.20
C ASP A 253 -16.41 -7.75 -1.46
N LEU A 254 -15.73 -7.01 -0.62
CA LEU A 254 -16.38 -5.94 0.05
C LEU A 254 -16.67 -4.72 -0.81
N LYS A 255 -15.91 -4.54 -1.90
CA LYS A 255 -16.06 -3.37 -2.78
C LYS A 255 -15.83 -2.04 -2.13
N LYS A 256 -14.86 -2.01 -1.23
CA LYS A 256 -14.50 -0.77 -0.54
C LYS A 256 -13.82 0.10 -1.53
N VAL A 257 -14.01 1.38 -1.32
CA VAL A 257 -13.31 2.35 -2.09
C VAL A 257 -12.05 2.61 -1.29
N LEU A 258 -10.89 2.37 -1.88
CA LEU A 258 -9.62 2.47 -1.20
C LEU A 258 -8.68 3.09 -2.23
N ILE A 259 -7.83 4.01 -1.79
CA ILE A 259 -7.00 4.72 -2.76
C ILE A 259 -5.75 3.87 -2.91
N CYS A 260 -5.48 3.43 -4.12
CA CYS A 260 -4.34 2.60 -4.28
C CYS A 260 -3.69 3.06 -5.56
N SER A 261 -2.49 2.55 -5.79
CA SER A 261 -1.78 2.84 -7.03
C SER A 261 -2.30 1.86 -8.07
N THR A 262 -2.76 2.39 -9.21
CA THR A 262 -3.39 1.52 -10.20
C THR A 262 -3.05 2.08 -11.56
N LEU A 263 -3.24 1.28 -12.58
CA LEU A 263 -2.90 1.75 -13.92
C LEU A 263 -3.91 2.79 -14.41
N LEU A 264 -3.40 3.97 -14.70
CA LEU A 264 -4.21 5.05 -15.16
C LEU A 264 -4.35 4.88 -16.66
N GLU A 265 -5.54 5.12 -17.18
CA GLU A 265 -5.75 4.98 -18.59
C GLU A 265 -6.57 6.22 -19.02
N GLY A 266 -5.97 7.38 -18.77
CA GLY A 266 -6.59 8.64 -19.14
C GLY A 266 -7.12 9.43 -17.97
N GLN A 267 -7.27 8.80 -16.80
CA GLN A 267 -7.78 9.56 -15.68
C GLN A 267 -6.77 10.64 -15.36
N TYR A 268 -7.27 11.81 -15.04
CA TYR A 268 -6.45 12.92 -14.67
C TYR A 268 -5.53 13.32 -15.81
N GLY A 269 -5.83 12.83 -16.99
CA GLY A 269 -5.03 13.18 -18.16
C GLY A 269 -3.83 12.28 -18.35
N HIS A 270 -3.74 11.23 -17.55
CA HIS A 270 -2.58 10.36 -17.56
C HIS A 270 -2.88 8.96 -18.02
N SER A 271 -1.96 8.44 -18.83
CA SER A 271 -2.03 7.07 -19.26
C SER A 271 -0.66 6.44 -19.11
N ASP A 272 -0.65 5.10 -19.15
CA ASP A 272 0.56 4.31 -19.19
C ASP A 272 1.44 4.53 -17.99
N ILE A 273 0.83 4.76 -16.84
CA ILE A 273 1.58 4.92 -15.62
C ILE A 273 0.67 4.51 -14.49
N PHE A 274 1.25 4.15 -13.36
CA PHE A 274 0.41 3.93 -12.19
C PHE A 274 0.43 5.14 -11.30
N GLY A 275 -0.70 5.38 -10.66
CA GLY A 275 -0.80 6.53 -9.78
C GLY A 275 -1.89 6.21 -8.78
N GLY A 276 -1.84 6.90 -7.69
CA GLY A 276 -2.81 6.68 -6.63
C GLY A 276 -4.10 7.38 -6.87
N THR A 277 -5.17 6.60 -6.79
CA THR A 277 -6.52 7.12 -6.94
C THR A 277 -7.45 6.14 -6.25
N PRO A 278 -8.61 6.59 -5.87
CA PRO A 278 -9.59 5.67 -5.34
C PRO A 278 -9.95 4.69 -6.38
N VAL A 279 -9.97 3.44 -5.89
CA VAL A 279 -10.50 2.32 -6.65
C VAL A 279 -11.45 1.54 -5.79
N VAL A 280 -12.25 0.70 -6.44
CA VAL A 280 -13.14 -0.18 -5.72
C VAL A 280 -12.49 -1.57 -5.82
N LEU A 281 -12.21 -2.21 -4.69
CA LEU A 281 -11.57 -3.52 -4.69
C LEU A 281 -12.59 -4.54 -4.31
N GLY A 282 -12.84 -5.48 -5.22
CA GLY A 282 -13.79 -6.53 -4.92
C GLY A 282 -13.36 -7.82 -5.50
N ALA A 283 -14.30 -8.76 -5.59
CA ALA A 283 -14.01 -10.07 -6.13
C ALA A 283 -13.25 -10.04 -7.46
N ASN A 284 -13.63 -9.15 -8.35
CA ASN A 284 -12.92 -9.04 -9.63
C ASN A 284 -11.68 -8.12 -9.62
N GLY A 285 -11.11 -7.90 -8.44
CA GLY A 285 -9.95 -7.06 -8.37
C GLY A 285 -10.31 -5.61 -8.32
N VAL A 286 -9.63 -4.85 -9.15
CA VAL A 286 -9.91 -3.45 -9.29
C VAL A 286 -11.16 -3.38 -10.18
N GLU A 287 -12.30 -3.16 -9.54
CA GLU A 287 -13.59 -3.16 -10.16
C GLU A 287 -13.91 -1.82 -10.80
N GLN A 288 -13.32 -0.76 -10.29
CA GLN A 288 -13.65 0.58 -10.79
C GLN A 288 -12.47 1.41 -10.43
N VAL A 289 -12.11 2.32 -11.31
CA VAL A 289 -11.03 3.25 -10.98
C VAL A 289 -11.79 4.54 -10.94
N ILE A 290 -11.74 5.19 -9.81
CA ILE A 290 -12.54 6.39 -9.67
C ILE A 290 -11.63 7.55 -9.89
N GLU A 291 -12.05 8.42 -10.80
CA GLU A 291 -11.34 9.64 -11.15
C GLU A 291 -12.01 10.79 -10.43
N LEU A 292 -11.27 11.40 -9.49
CA LEU A 292 -11.77 12.54 -8.74
C LEU A 292 -11.82 13.67 -9.73
N GLN A 293 -12.85 14.50 -9.64
CA GLN A 293 -12.99 15.59 -10.61
C GLN A 293 -12.24 16.74 -10.03
N LEU A 294 -10.93 16.68 -10.13
CA LEU A 294 -10.05 17.64 -9.50
C LEU A 294 -10.17 18.98 -10.16
N ASN A 295 -9.88 20.03 -9.42
CA ASN A 295 -9.75 21.33 -10.09
C ASN A 295 -8.37 21.53 -10.69
N SER A 296 -8.11 22.70 -11.25
CA SER A 296 -6.87 22.77 -12.03
C SER A 296 -5.70 22.80 -11.07
N GLU A 297 -5.91 23.37 -9.92
CA GLU A 297 -4.82 23.45 -8.94
C GLU A 297 -4.48 22.05 -8.43
N GLU A 298 -5.51 21.26 -8.19
CA GLU A 298 -5.29 19.92 -7.65
C GLU A 298 -4.68 19.08 -8.74
N LYS A 299 -5.17 19.25 -9.95
CA LYS A 299 -4.59 18.49 -11.08
C LYS A 299 -3.14 18.88 -11.26
N ALA A 300 -2.82 20.13 -11.03
CA ALA A 300 -1.40 20.46 -11.20
C ALA A 300 -0.54 19.67 -10.21
N LYS A 301 -1.05 19.51 -9.02
CA LYS A 301 -0.29 18.75 -8.03
C LYS A 301 -0.23 17.30 -8.41
N PHE A 302 -1.34 16.78 -8.94
CA PHE A 302 -1.39 15.41 -9.35
C PHE A 302 -0.33 15.22 -10.41
N ASP A 303 -0.21 16.19 -11.31
CA ASP A 303 0.79 16.04 -12.37
C ASP A 303 2.17 16.01 -11.81
N GLU A 304 2.39 16.80 -10.79
CA GLU A 304 3.72 16.84 -10.19
C GLU A 304 4.06 15.51 -9.60
N ALA A 305 3.08 14.88 -8.95
CA ALA A 305 3.31 13.56 -8.38
C ALA A 305 3.61 12.54 -9.46
N ILE A 306 2.78 12.54 -10.51
CA ILE A 306 2.98 11.58 -11.56
C ILE A 306 4.32 11.78 -12.23
N ALA A 307 4.70 13.04 -12.38
CA ALA A 307 5.98 13.36 -13.04
C ALA A 307 7.14 12.71 -12.28
N GLU A 308 7.05 12.69 -10.97
CA GLU A 308 8.07 12.01 -10.22
C GLU A 308 8.08 10.51 -10.51
N THR A 309 6.92 9.86 -10.43
CA THR A 309 6.91 8.43 -10.79
C THR A 309 7.51 8.19 -12.18
N LYS A 310 7.10 9.01 -13.11
CA LYS A 310 7.53 8.90 -14.50
C LYS A 310 9.05 9.09 -14.62
N ARG A 311 9.59 10.07 -13.90
CA ARG A 311 10.99 10.31 -13.91
C ARG A 311 11.74 9.06 -13.50
N MET A 312 11.26 8.38 -12.46
CA MET A 312 11.93 7.19 -12.02
C MET A 312 11.54 6.00 -12.93
N LYS A 313 10.49 6.08 -13.77
CA LYS A 313 10.16 4.88 -14.58
C LYS A 313 11.42 4.33 -15.30
N PRO A 314 12.09 5.14 -16.11
CA PRO A 314 13.34 4.73 -16.78
C PRO A 314 14.45 4.32 -15.85
N LEU A 315 14.63 4.97 -14.71
CA LEU A 315 15.67 4.51 -13.77
C LEU A 315 15.36 3.09 -13.17
N ALA A 316 14.08 2.78 -12.99
CA ALA A 316 13.71 1.50 -12.36
C ALA A 316 14.08 0.39 -13.31
N HIS A 317 13.61 0.62 -14.53
CA HIS A 317 13.87 -0.25 -15.68
C HIS A 317 15.34 -0.11 -16.00
N HIS A 318 16.12 0.02 -14.95
CA HIS A 318 17.52 0.07 -15.12
C HIS A 318 18.28 -0.37 -13.85
PA NAI B . 12.00 -5.27 5.66
O1A NAI B . 13.41 -4.93 5.18
O2A NAI B . 11.50 -5.48 6.97
O5B NAI B . 11.40 -6.46 4.82
C5B NAI B . 11.74 -6.66 3.47
C4B NAI B . 12.26 -8.07 3.24
O4B NAI B . 12.15 -8.43 1.86
C3B NAI B . 13.25 -8.81 3.85
O3B NAI B . 13.01 -9.63 4.81
C2B NAI B . 14.06 -9.29 2.84
O2B NAI B . 14.94 -10.14 3.15
C1B NAI B . 13.24 -9.37 1.74
N9A NAI B . 13.53 -9.71 0.45
C8A NAI B . 14.53 -9.08 -0.21
N7A NAI B . 14.56 -9.61 -1.46
C5A NAI B . 13.55 -10.51 -1.57
C6A NAI B . 13.06 -11.39 -2.61
N6A NAI B . 13.65 -11.47 -3.86
N1A NAI B . 12.01 -12.16 -2.32
C2A NAI B . 11.44 -12.16 -1.11
N3A NAI B . 11.86 -11.41 -0.08
C4A NAI B . 12.88 -10.58 -0.27
O3 NAI B . 11.05 -4.22 5.09
PN NAI B . 9.43 -3.72 5.35
O1N NAI B . 9.46 -2.96 6.50
O2N NAI B . 8.71 -4.92 5.58
O5D NAI B . 9.12 -2.81 4.29
C5D NAI B . 8.96 -3.46 2.77
C4D NAI B . 9.00 -2.65 1.65
O4D NAI B . 7.82 -1.76 1.84
C3D NAI B . 10.17 -1.48 1.53
O3D NAI B . 10.54 -1.21 0.19
C2D NAI B . 9.49 -0.19 2.26
O2D NAI B . 9.92 1.03 1.90
C1D NAI B . 8.19 -0.46 1.30
N1N NAI B . 7.06 0.32 2.17
C2N NAI B . 5.93 0.75 1.24
C3N NAI B . 5.05 1.58 1.75
C7N NAI B . 3.78 1.87 0.71
O7N NAI B . 2.88 2.73 1.35
N7N NAI B . 3.82 1.43 -0.43
C4N NAI B . 4.55 1.67 3.31
C5N NAI B . 5.78 1.25 4.28
C6N NAI B . 6.88 0.43 3.72
C1 OXM C . 6.70 4.22 3.88
N1 OXM C . 7.65 3.61 4.56
O1 OXM C . 6.68 4.35 2.60
C2 OXM C . 5.56 4.80 4.67
O2 OXM C . 4.85 5.63 4.11
O3 OXM C . 5.31 4.46 5.84
C1 GOL D . -12.58 6.35 0.39
O1 GOL D . -13.23 5.18 0.83
C2 GOL D . -11.28 6.38 1.15
O2 GOL D . -11.51 6.41 2.55
C3 GOL D . -10.42 7.54 0.76
O3 GOL D . -9.27 7.35 1.52
#